data_5YY0
#
_entry.id   5YY0
#
_cell.length_a   132.046
_cell.length_b   132.046
_cell.length_c   132.046
_cell.angle_alpha   90.00
_cell.angle_beta   90.00
_cell.angle_gamma   90.00
#
_symmetry.space_group_name_H-M   'P 2 3'
#
loop_
_entity.id
_entity.type
_entity.pdbx_description
1 polymer 'Cytosolic NiFe-hydrogenase, alpha subunit'
2 polymer 'Probable hydrogenase nickel incorporation protein HypA'
3 non-polymer 'ZINC ION'
#
loop_
_entity_poly.entity_id
_entity_poly.type
_entity_poly.pdbx_seq_one_letter_code
_entity_poly.pdbx_strand_id
1 'polypeptide(L)'
;MKNVYLPITVDHIARVEGKGGVEIVVGDDGVKEVKLNIIEGPRFFEAITLGKKLDEALAIYPRICSFCSAAHKLTAVEAA
EKAIGFTPREEIQALREVLYIGDMIESHALHLYLLVLPDYLGYSGPLHMIDEYKKEMSIALDLKNLGSWMMDELGSRAIH
QENAVLGGFGKLPDKSVLENMKRRLKEALPKAEYTFELFTKLEQYEEVEGPITHIAVKPRNGVYGIYGDYLKASDGNEFP
SEEYREHIKEFVVEHSFAKHSHYHGKPFMVGAISRLVNNADTLYGRAKELYESYKDLLRSTNPFANNLAQALELVYFTER
AIDLIDEALAKWPIRPRDEVALKDGFGVSTTEAPRGVLVYALKVENGRVSYADIITPTAFNLAMMEQHVRMMAEKHYNDD
PEKLKLLAEMVVRAYDPCISCSVHVARL
;
A
2 'polypeptide(L)'
;MHEWALADAIVRTVLDYAQREGASRVKAVRVVLGELQDVAEDIVKFAMEQLFAGTIAEGAEIEFVEEEAVFKCRNCNYEW
KLKEVKDKFDERIKEDIHFIPEVVHAFLACPKCGSHDFEVVKGRGVYVAGIKIEKEGGS
;
B
#
loop_
_chem_comp.id
_chem_comp.type
_chem_comp.name
_chem_comp.formula
ZN non-polymer 'ZINC ION' 'Zn 2'
#
# COMPACT_ATOMS: atom_id res chain seq x y z
N TYR A 5 -13.76 -37.91 6.07
CA TYR A 5 -12.37 -37.82 6.52
C TYR A 5 -12.26 -37.98 8.03
N LEU A 6 -11.05 -37.86 8.55
CA LEU A 6 -10.81 -37.99 9.98
C LEU A 6 -10.83 -36.63 10.67
N PRO A 7 -11.70 -36.48 11.69
CA PRO A 7 -11.89 -35.23 12.42
C PRO A 7 -11.05 -35.14 13.70
N ILE A 8 -10.34 -34.02 13.86
CA ILE A 8 -9.52 -33.77 15.05
C ILE A 8 -9.69 -32.34 15.55
N THR A 9 -9.00 -32.01 16.65
CA THR A 9 -9.08 -30.67 17.21
C THR A 9 -7.69 -30.09 17.51
N VAL A 10 -7.33 -29.02 16.81
CA VAL A 10 -6.11 -28.27 17.11
C VAL A 10 -6.40 -26.79 17.13
N ASP A 11 -6.59 -26.24 18.32
CA ASP A 11 -6.91 -24.82 18.48
C ASP A 11 -5.72 -23.94 18.10
N HIS A 12 -5.92 -23.12 17.06
CA HIS A 12 -4.88 -22.20 16.62
C HIS A 12 -4.95 -20.88 17.36
N ILE A 13 -3.93 -20.59 18.16
CA ILE A 13 -3.89 -19.36 18.95
C ILE A 13 -3.56 -18.17 18.06
N ALA A 14 -4.58 -17.38 17.74
CA ALA A 14 -4.42 -16.20 16.91
C ALA A 14 -5.19 -15.00 17.46
N GLY A 20 -0.02 -5.72 12.03
CA GLY A 20 1.16 -5.58 11.20
C GLY A 20 2.18 -4.63 11.80
N GLY A 21 3.37 -5.15 12.09
CA GLY A 21 4.43 -4.34 12.67
C GLY A 21 5.79 -4.99 12.52
N VAL A 22 6.83 -4.30 12.99
CA VAL A 22 8.19 -4.81 12.92
C VAL A 22 8.63 -5.38 14.26
N GLU A 23 9.61 -6.27 14.24
CA GLU A 23 10.13 -6.85 15.48
C GLU A 23 11.66 -6.76 15.55
N ILE A 24 12.15 -6.18 16.63
CA ILE A 24 13.59 -6.08 16.86
C ILE A 24 13.95 -6.72 18.20
N VAL A 25 14.78 -7.77 18.15
CA VAL A 25 15.20 -8.45 19.37
C VAL A 25 16.50 -7.85 19.89
N VAL A 26 16.46 -7.34 21.12
CA VAL A 26 17.61 -6.67 21.70
C VAL A 26 18.30 -7.51 22.78
N GLY A 27 19.46 -7.05 23.21
CA GLY A 27 20.24 -7.75 24.23
C GLY A 27 21.21 -6.85 24.96
N ASP A 28 21.75 -7.34 26.07
CA ASP A 28 22.69 -6.57 26.88
C ASP A 28 24.00 -6.31 26.14
N ASP A 29 24.38 -7.24 25.28
CA ASP A 29 25.61 -7.11 24.50
C ASP A 29 25.37 -6.37 23.20
N GLY A 30 24.13 -5.92 23.00
CA GLY A 30 23.76 -5.22 21.79
C GLY A 30 22.63 -5.92 21.06
N VAL A 31 22.19 -5.33 19.95
CA VAL A 31 21.13 -5.92 19.15
C VAL A 31 21.66 -7.03 18.27
N LYS A 32 20.90 -8.13 18.19
CA LYS A 32 21.30 -9.31 17.41
C LYS A 32 20.50 -9.56 16.13
N GLU A 33 19.18 -9.48 16.23
CA GLU A 33 18.31 -9.78 15.09
C GLU A 33 17.18 -8.76 14.92
N VAL A 34 17.06 -8.25 13.70
CA VAL A 34 15.97 -7.34 13.34
C VAL A 34 15.20 -7.92 12.16
N LYS A 35 13.88 -8.02 12.29
CA LYS A 35 13.06 -8.62 11.24
C LYS A 35 11.70 -7.93 11.12
N LEU A 36 11.08 -8.04 9.95
CA LEU A 36 9.76 -7.43 9.74
C LEU A 36 8.86 -8.25 8.82
N ASN A 37 7.56 -8.27 9.14
CA ASN A 37 6.53 -8.84 8.29
C ASN A 37 5.36 -7.86 8.21
N ILE A 38 5.52 -6.78 7.47
CA ILE A 38 4.57 -5.68 7.55
C ILE A 38 3.52 -5.70 6.43
N ILE A 39 3.82 -6.39 5.34
CA ILE A 39 2.91 -6.42 4.19
C ILE A 39 2.72 -7.83 3.66
N GLU A 40 1.65 -8.02 2.89
CA GLU A 40 1.36 -9.30 2.27
C GLU A 40 1.65 -9.23 0.78
N GLY A 41 1.44 -10.35 0.09
CA GLY A 41 1.62 -10.41 -1.34
C GLY A 41 0.31 -10.24 -2.08
N PRO A 42 0.33 -9.48 -3.19
CA PRO A 42 -0.84 -9.29 -4.04
C PRO A 42 -1.08 -10.48 -4.95
N ARG A 43 -0.27 -11.52 -4.78
CA ARG A 43 -0.32 -12.75 -5.57
C ARG A 43 -1.75 -13.28 -5.73
N PHE A 44 -2.50 -13.25 -4.62
CA PHE A 44 -3.89 -13.69 -4.63
C PHE A 44 -4.68 -13.02 -5.73
N PHE A 45 -4.64 -11.69 -5.75
CA PHE A 45 -5.31 -10.92 -6.79
C PHE A 45 -4.79 -11.33 -8.16
N GLU A 46 -3.48 -11.51 -8.26
CA GLU A 46 -2.84 -11.88 -9.51
C GLU A 46 -3.33 -13.23 -10.02
N ALA A 47 -4.02 -13.98 -9.16
CA ALA A 47 -4.54 -15.29 -9.52
C ALA A 47 -6.06 -15.29 -9.64
N ILE A 48 -6.71 -14.24 -9.16
CA ILE A 48 -8.17 -14.19 -9.24
C ILE A 48 -8.64 -13.21 -10.31
N THR A 49 -7.75 -12.29 -10.68
CA THR A 49 -8.07 -11.31 -11.70
C THR A 49 -7.98 -11.95 -13.08
N LEU A 50 -7.16 -13.00 -13.18
CA LEU A 50 -7.05 -13.76 -14.42
C LEU A 50 -8.31 -14.58 -14.64
N GLY A 51 -8.71 -14.70 -15.89
CA GLY A 51 -9.90 -15.47 -16.24
C GLY A 51 -11.13 -14.59 -16.25
N LYS A 52 -11.01 -13.40 -15.67
CA LYS A 52 -12.08 -12.43 -15.65
C LYS A 52 -11.92 -11.44 -16.79
N LYS A 53 -12.93 -10.60 -16.99
CA LYS A 53 -12.87 -9.57 -18.02
C LYS A 53 -11.80 -8.54 -17.68
N LEU A 54 -11.30 -7.86 -18.70
CA LEU A 54 -10.26 -6.85 -18.50
C LEU A 54 -10.78 -5.73 -17.61
N ASP A 55 -12.03 -5.33 -17.82
CA ASP A 55 -12.65 -4.31 -17.00
C ASP A 55 -12.90 -4.82 -15.59
N GLU A 56 -13.27 -6.09 -15.48
CA GLU A 56 -13.50 -6.72 -14.19
C GLU A 56 -12.22 -6.73 -13.37
N ALA A 57 -11.15 -7.24 -13.97
CA ALA A 57 -9.84 -7.24 -13.32
C ALA A 57 -9.41 -5.81 -12.99
N LEU A 58 -9.76 -4.88 -13.87
CA LEU A 58 -9.47 -3.47 -13.66
C LEU A 58 -10.26 -2.90 -12.49
N ALA A 59 -11.34 -3.58 -12.13
CA ALA A 59 -12.15 -3.17 -10.98
C ALA A 59 -11.67 -3.86 -9.71
N ILE A 60 -11.01 -5.00 -9.88
CA ILE A 60 -10.47 -5.75 -8.75
C ILE A 60 -9.14 -5.17 -8.29
N TYR A 61 -8.35 -4.66 -9.24
CA TYR A 61 -7.02 -4.13 -8.97
C TYR A 61 -6.94 -3.02 -7.91
N PRO A 62 -7.85 -2.03 -7.94
CA PRO A 62 -7.71 -0.97 -6.94
C PRO A 62 -8.02 -1.40 -5.50
N ARG A 63 -8.29 -2.68 -5.29
CA ARG A 63 -8.54 -3.21 -3.95
C ARG A 63 -7.24 -3.38 -3.18
N ILE A 64 -6.13 -3.52 -3.91
CA ILE A 64 -4.82 -3.67 -3.29
C ILE A 64 -4.26 -2.32 -2.88
N CYS A 65 -3.98 -2.16 -1.58
CA CYS A 65 -3.49 -0.90 -1.03
C CYS A 65 -4.39 0.26 -1.46
N SER A 66 -5.67 0.14 -1.15
CA SER A 66 -6.66 1.13 -1.58
C SER A 66 -6.45 2.48 -0.90
N PHE A 67 -5.59 2.50 0.12
CA PHE A 67 -5.19 3.74 0.78
C PHE A 67 -4.66 4.74 -0.24
N CYS A 68 -4.07 4.19 -1.30
CA CYS A 68 -3.70 4.96 -2.47
C CYS A 68 -4.26 4.18 -3.64
N SER A 69 -5.59 4.16 -3.73
CA SER A 69 -6.28 3.40 -4.77
C SER A 69 -6.12 3.97 -6.18
N ALA A 70 -6.46 5.24 -6.34
CA ALA A 70 -6.58 5.89 -7.66
C ALA A 70 -5.36 5.71 -8.56
N ALA A 71 -4.18 5.61 -7.96
CA ALA A 71 -2.94 5.44 -8.73
C ALA A 71 -2.94 4.12 -9.49
N HIS A 72 -3.31 3.05 -8.80
CA HIS A 72 -3.29 1.71 -9.37
C HIS A 72 -4.10 1.62 -10.66
N LYS A 73 -5.39 1.95 -10.56
CA LYS A 73 -6.28 1.91 -11.72
C LYS A 73 -5.81 2.85 -12.83
N LEU A 74 -4.90 3.77 -12.50
CA LEU A 74 -4.41 4.72 -13.47
C LEU A 74 -3.19 4.19 -14.23
N THR A 75 -2.47 3.24 -13.65
CA THR A 75 -1.35 2.63 -14.35
C THR A 75 -1.79 1.31 -14.99
N ALA A 76 -2.71 0.63 -14.31
CA ALA A 76 -3.30 -0.60 -14.84
C ALA A 76 -3.78 -0.37 -16.27
N VAL A 77 -4.68 0.59 -16.42
CA VAL A 77 -5.20 0.95 -17.74
C VAL A 77 -4.06 1.23 -18.72
N GLU A 78 -3.01 1.90 -18.25
CA GLU A 78 -1.88 2.23 -19.11
C GLU A 78 -1.31 0.93 -19.66
N ALA A 79 -1.05 -0.01 -18.75
CA ALA A 79 -0.54 -1.31 -19.13
C ALA A 79 -1.46 -1.93 -20.17
N ALA A 80 -2.77 -1.83 -19.91
CA ALA A 80 -3.75 -2.38 -20.84
C ALA A 80 -3.57 -1.75 -22.21
N GLU A 81 -3.46 -0.42 -22.24
CA GLU A 81 -3.21 0.27 -23.50
C GLU A 81 -1.88 -0.20 -24.07
N LYS A 82 -0.89 -0.31 -23.19
CA LYS A 82 0.44 -0.75 -23.59
C LYS A 82 0.38 -2.18 -24.12
N ALA A 83 -0.66 -2.90 -23.73
CA ALA A 83 -0.86 -4.26 -24.23
C ALA A 83 -1.50 -4.22 -25.60
N ILE A 84 -2.47 -3.33 -25.79
CA ILE A 84 -3.23 -3.31 -27.04
C ILE A 84 -2.52 -2.46 -28.09
N GLY A 85 -1.40 -1.85 -27.72
CA GLY A 85 -0.64 -1.04 -28.63
C GLY A 85 -1.23 0.33 -28.86
N PHE A 86 -2.54 0.46 -28.62
CA PHE A 86 -3.22 1.73 -28.80
C PHE A 86 -2.73 2.76 -27.78
N THR A 87 -2.40 3.94 -28.28
CA THR A 87 -1.91 5.02 -27.43
C THR A 87 -3.00 6.04 -27.16
N PRO A 88 -3.16 6.44 -25.89
CA PRO A 88 -4.12 7.49 -25.53
C PRO A 88 -3.66 8.84 -26.04
N ARG A 89 -4.60 9.77 -26.24
CA ARG A 89 -4.25 11.09 -26.70
C ARG A 89 -3.48 11.85 -25.62
N GLU A 90 -2.81 12.93 -26.02
CA GLU A 90 -2.02 13.72 -25.09
C GLU A 90 -2.90 14.41 -24.06
N GLU A 91 -4.12 14.73 -24.45
CA GLU A 91 -5.05 15.42 -23.56
C GLU A 91 -5.45 14.52 -22.40
N ILE A 92 -5.98 13.34 -22.72
CA ILE A 92 -6.41 12.41 -21.68
C ILE A 92 -5.22 11.90 -20.86
N GLN A 93 -4.05 11.87 -21.48
CA GLN A 93 -2.83 11.50 -20.79
C GLN A 93 -2.51 12.55 -19.73
N ALA A 94 -2.58 13.81 -20.13
CA ALA A 94 -2.35 14.92 -19.22
C ALA A 94 -3.39 14.96 -18.11
N LEU A 95 -4.61 14.53 -18.43
CA LEU A 95 -5.68 14.47 -17.45
C LEU A 95 -5.39 13.39 -16.40
N ARG A 96 -4.98 12.22 -16.88
CA ARG A 96 -4.52 11.15 -16.01
C ARG A 96 -3.42 11.66 -15.10
N GLU A 97 -2.53 12.47 -15.67
CA GLU A 97 -1.44 13.08 -14.92
C GLU A 97 -1.96 14.06 -13.86
N VAL A 98 -3.09 14.71 -14.16
CA VAL A 98 -3.70 15.66 -13.23
C VAL A 98 -4.30 14.93 -12.02
N LEU A 99 -5.10 13.90 -12.30
CA LEU A 99 -5.66 13.08 -11.24
C LEU A 99 -4.54 12.50 -10.37
N TYR A 100 -3.52 11.97 -11.05
CA TYR A 100 -2.30 11.48 -10.43
C TYR A 100 -1.68 12.52 -9.48
N ILE A 101 -1.63 13.77 -9.95
CA ILE A 101 -1.09 14.87 -9.16
C ILE A 101 -1.92 15.11 -7.91
N GLY A 102 -3.24 15.14 -8.06
CA GLY A 102 -4.13 15.33 -6.91
C GLY A 102 -3.92 14.27 -5.85
N ASP A 103 -3.88 13.01 -6.30
CA ASP A 103 -3.60 11.87 -5.43
C ASP A 103 -2.29 12.06 -4.69
N MET A 104 -1.25 12.42 -5.44
CA MET A 104 0.07 12.71 -4.89
C MET A 104 0.01 13.73 -3.76
N ILE A 105 -0.64 14.86 -4.04
CA ILE A 105 -0.79 15.95 -3.09
C ILE A 105 -1.47 15.49 -1.80
N GLU A 106 -2.63 14.84 -1.95
CA GLU A 106 -3.36 14.34 -0.78
C GLU A 106 -2.51 13.40 0.06
N SER A 107 -1.96 12.36 -0.57
CA SER A 107 -1.16 11.36 0.12
C SER A 107 0.01 11.97 0.87
N HIS A 108 0.78 12.82 0.18
CA HIS A 108 1.97 13.40 0.76
C HIS A 108 1.64 14.38 1.88
N ALA A 109 0.58 15.17 1.70
CA ALA A 109 0.16 16.10 2.75
C ALA A 109 -0.19 15.33 4.02
N LEU A 110 -1.08 14.36 3.85
CA LEU A 110 -1.48 13.49 4.95
C LEU A 110 -0.29 12.88 5.67
N HIS A 111 0.56 12.19 4.90
CA HIS A 111 1.76 11.55 5.45
C HIS A 111 2.64 12.53 6.19
N LEU A 112 3.14 13.55 5.47
CA LEU A 112 4.08 14.50 6.03
C LEU A 112 3.57 15.10 7.33
N TYR A 113 2.42 15.79 7.27
CA TYR A 113 1.80 16.44 8.44
C TYR A 113 1.24 15.61 9.62
N LEU A 114 0.50 14.54 9.33
CA LEU A 114 -0.06 13.64 10.35
C LEU A 114 0.91 12.60 10.90
N LEU A 115 1.96 12.26 10.15
CA LEU A 115 2.91 11.27 10.61
C LEU A 115 4.24 11.88 11.03
N VAL A 116 4.84 12.69 10.14
CA VAL A 116 6.18 13.19 10.41
C VAL A 116 6.17 14.30 11.46
N LEU A 117 5.13 15.12 11.49
CA LEU A 117 5.11 16.21 12.47
C LEU A 117 4.93 15.71 13.92
N PRO A 118 4.09 14.70 14.15
CA PRO A 118 4.08 14.17 15.53
C PRO A 118 5.38 13.46 15.91
N ASP A 119 6.11 12.95 14.92
CA ASP A 119 7.39 12.28 15.18
C ASP A 119 8.40 13.25 15.78
N TYR A 120 8.53 14.42 15.15
CA TYR A 120 9.52 15.40 15.54
C TYR A 120 9.04 16.27 16.70
N LEU A 121 7.77 16.65 16.68
CA LEU A 121 7.22 17.52 17.72
C LEU A 121 6.76 16.71 18.94
N GLY A 122 6.88 15.38 18.85
CA GLY A 122 6.54 14.51 19.96
C GLY A 122 5.07 14.53 20.32
N TYR A 123 4.21 14.64 19.31
CA TYR A 123 2.77 14.69 19.54
C TYR A 123 2.15 13.31 19.55
N SER A 124 1.03 13.17 20.27
CA SER A 124 0.30 11.91 20.33
C SER A 124 -1.17 12.14 20.63
N GLY A 125 -1.98 11.10 20.48
CA GLY A 125 -3.41 11.20 20.70
C GLY A 125 -4.09 12.03 19.63
N PRO A 126 -5.00 12.92 20.04
CA PRO A 126 -5.68 13.82 19.11
C PRO A 126 -4.71 14.83 18.49
N LEU A 127 -4.49 14.71 17.19
CA LEU A 127 -3.50 15.54 16.51
C LEU A 127 -3.88 17.02 16.50
N HIS A 128 -5.16 17.31 16.67
CA HIS A 128 -5.62 18.69 16.67
C HIS A 128 -5.26 19.38 17.99
N MET A 129 -4.45 20.43 17.90
CA MET A 129 -4.09 21.24 19.05
C MET A 129 -4.20 22.70 18.70
N ILE A 130 -4.38 23.54 19.72
CA ILE A 130 -4.57 24.98 19.49
C ILE A 130 -3.30 25.76 19.80
N ASP A 131 -2.49 25.24 20.70
CA ASP A 131 -1.22 25.88 21.07
C ASP A 131 -0.26 25.86 19.89
N GLU A 132 -0.33 24.77 19.13
CA GLU A 132 0.52 24.60 17.96
C GLU A 132 -0.26 23.77 16.94
N TYR A 133 0.26 23.67 15.73
CA TYR A 133 -0.34 22.79 14.73
C TYR A 133 -1.68 23.33 14.27
N LYS A 134 -1.97 24.58 14.63
CA LYS A 134 -3.19 25.23 14.17
C LYS A 134 -3.10 25.57 12.69
N LYS A 135 -2.12 26.40 12.33
CA LYS A 135 -1.90 26.78 10.95
C LYS A 135 -1.47 25.58 10.12
N GLU A 136 -0.80 24.63 10.76
CA GLU A 136 -0.31 23.43 10.08
C GLU A 136 -1.46 22.48 9.79
N MET A 137 -2.43 22.40 10.69
CA MET A 137 -3.62 21.61 10.45
C MET A 137 -4.50 22.29 9.43
N SER A 138 -4.51 23.63 9.44
CA SER A 138 -5.24 24.38 8.43
C SER A 138 -4.70 24.06 7.05
N ILE A 139 -3.38 24.17 6.90
CA ILE A 139 -2.72 23.87 5.63
C ILE A 139 -2.95 22.42 5.21
N ALA A 140 -2.66 21.49 6.12
CA ALA A 140 -2.82 20.06 5.84
C ALA A 140 -4.23 19.73 5.39
N LEU A 141 -5.21 20.29 6.09
CA LEU A 141 -6.62 20.09 5.75
C LEU A 141 -6.93 20.67 4.38
N ASP A 142 -6.36 21.84 4.09
CA ASP A 142 -6.57 22.48 2.80
C ASP A 142 -6.05 21.61 1.65
N LEU A 143 -4.83 21.10 1.81
CA LEU A 143 -4.21 20.27 0.79
C LEU A 143 -4.96 18.95 0.61
N LYS A 144 -5.30 18.31 1.73
CA LYS A 144 -6.08 17.08 1.73
C LYS A 144 -7.40 17.26 1.00
N ASN A 145 -8.14 18.29 1.39
CA ASN A 145 -9.43 18.59 0.78
C ASN A 145 -9.31 18.90 -0.71
N LEU A 146 -8.25 19.62 -1.07
CA LEU A 146 -8.01 19.96 -2.47
C LEU A 146 -7.78 18.71 -3.31
N GLY A 147 -6.83 17.89 -2.89
CA GLY A 147 -6.52 16.65 -3.59
C GLY A 147 -7.71 15.72 -3.70
N SER A 148 -8.40 15.52 -2.57
CA SER A 148 -9.56 14.66 -2.52
C SER A 148 -10.69 15.18 -3.40
N TRP A 149 -10.80 16.49 -3.50
CA TRP A 149 -11.81 17.10 -4.36
C TRP A 149 -11.46 16.90 -5.83
N MET A 150 -10.17 16.99 -6.15
CA MET A 150 -9.70 16.71 -7.50
C MET A 150 -10.02 15.26 -7.87
N MET A 151 -9.82 14.36 -6.93
CA MET A 151 -10.08 12.94 -7.15
C MET A 151 -11.57 12.64 -7.23
N ASP A 152 -12.37 13.43 -6.53
CA ASP A 152 -13.82 13.24 -6.53
C ASP A 152 -14.45 13.80 -7.81
N GLU A 153 -13.84 14.85 -8.35
CA GLU A 153 -14.35 15.51 -9.54
C GLU A 153 -13.95 14.76 -10.80
N LEU A 154 -12.64 14.60 -10.99
CA LEU A 154 -12.12 13.88 -12.15
C LEU A 154 -12.51 12.41 -12.10
N GLY A 155 -12.17 11.76 -10.99
CA GLY A 155 -12.51 10.36 -10.79
C GLY A 155 -13.94 10.19 -10.33
N HIS A 160 -16.85 9.54 -7.33
CA HIS A 160 -16.34 8.49 -6.47
C HIS A 160 -15.35 7.59 -7.20
N GLN A 161 -15.84 6.48 -7.72
CA GLN A 161 -15.01 5.56 -8.47
C GLN A 161 -15.68 5.15 -9.78
N GLU A 162 -15.05 4.21 -10.49
CA GLU A 162 -15.56 3.67 -11.76
C GLU A 162 -15.68 4.75 -12.84
N ASN A 163 -14.86 5.80 -12.74
CA ASN A 163 -14.90 6.89 -13.71
C ASN A 163 -13.93 6.67 -14.86
N ALA A 164 -12.71 6.27 -14.54
CA ALA A 164 -11.67 6.07 -15.54
C ALA A 164 -11.86 4.75 -16.29
N VAL A 165 -12.18 4.85 -17.58
CA VAL A 165 -12.37 3.67 -18.41
C VAL A 165 -11.25 3.61 -19.46
N LEU A 166 -11.00 2.42 -20.00
CA LEU A 166 -9.95 2.22 -20.99
C LEU A 166 -10.23 2.97 -22.29
N GLY A 167 -9.19 3.58 -22.85
CA GLY A 167 -9.32 4.35 -24.07
C GLY A 167 -9.77 5.76 -23.81
N GLY A 168 -10.88 5.90 -23.09
CA GLY A 168 -11.41 7.20 -22.72
C GLY A 168 -12.22 7.12 -21.44
N PHE A 169 -12.37 8.26 -20.77
CA PHE A 169 -13.02 8.30 -19.47
C PHE A 169 -14.53 8.19 -19.57
N GLY A 170 -15.18 7.92 -18.44
CA GLY A 170 -16.63 7.79 -18.40
C GLY A 170 -17.33 9.14 -18.40
N LYS A 171 -16.87 10.05 -17.55
CA LYS A 171 -17.47 11.37 -17.44
C LYS A 171 -16.41 12.43 -17.15
N LEU A 172 -16.50 13.55 -17.87
CA LEU A 172 -15.57 14.66 -17.67
C LEU A 172 -16.27 15.85 -17.04
N PRO A 173 -15.61 16.50 -16.07
CA PRO A 173 -16.15 17.68 -15.39
C PRO A 173 -16.19 18.90 -16.31
N ASP A 174 -16.78 19.99 -15.84
CA ASP A 174 -16.90 21.21 -16.63
C ASP A 174 -15.60 22.01 -16.60
N LYS A 175 -15.41 22.84 -17.62
CA LYS A 175 -14.20 23.64 -17.76
C LYS A 175 -14.07 24.65 -16.61
N SER A 176 -15.21 25.16 -16.16
CA SER A 176 -15.24 26.11 -15.05
C SER A 176 -14.65 25.49 -13.79
N VAL A 177 -14.95 24.21 -13.57
CA VAL A 177 -14.42 23.48 -12.43
C VAL A 177 -12.90 23.38 -12.53
N LEU A 178 -12.40 23.28 -13.76
CA LEU A 178 -10.97 23.19 -14.00
C LEU A 178 -10.28 24.52 -13.72
N GLU A 179 -10.89 25.61 -14.19
CA GLU A 179 -10.35 26.94 -13.96
C GLU A 179 -10.32 27.24 -12.46
N ASN A 180 -11.43 26.95 -11.80
CA ASN A 180 -11.53 27.12 -10.35
C ASN A 180 -10.51 26.25 -9.61
N MET A 181 -10.24 25.07 -10.17
CA MET A 181 -9.22 24.19 -9.62
C MET A 181 -7.85 24.84 -9.72
N LYS A 182 -7.58 25.46 -10.87
CA LYS A 182 -6.34 26.18 -11.08
C LYS A 182 -6.19 27.32 -10.08
N ARG A 183 -7.27 28.03 -9.84
CA ARG A 183 -7.29 29.11 -8.86
C ARG A 183 -6.98 28.57 -7.46
N ARG A 184 -7.58 27.43 -7.15
CA ARG A 184 -7.37 26.78 -5.86
C ARG A 184 -5.91 26.41 -5.66
N LEU A 185 -5.29 25.88 -6.73
CA LEU A 185 -3.86 25.56 -6.71
C LEU A 185 -3.04 26.82 -6.47
N LYS A 186 -3.39 27.89 -7.19
CA LYS A 186 -2.72 29.18 -7.06
C LYS A 186 -2.80 29.70 -5.63
N GLU A 187 -3.90 29.39 -4.95
CA GLU A 187 -4.06 29.78 -3.55
C GLU A 187 -3.36 28.82 -2.61
N ALA A 188 -3.07 27.62 -3.09
CA ALA A 188 -2.52 26.57 -2.24
C ALA A 188 -1.00 26.52 -2.25
N LEU A 189 -0.39 27.10 -3.28
CA LEU A 189 1.07 27.09 -3.42
C LEU A 189 1.87 27.60 -2.21
N PRO A 190 1.52 28.77 -1.65
CA PRO A 190 2.37 29.26 -0.55
C PRO A 190 2.32 28.38 0.70
N LYS A 191 1.24 27.61 0.84
CA LYS A 191 1.12 26.67 1.95
C LYS A 191 2.07 25.49 1.74
N ALA A 192 2.27 25.13 0.48
CA ALA A 192 3.21 24.06 0.13
C ALA A 192 4.64 24.54 0.29
N GLU A 193 4.87 25.81 -0.01
CA GLU A 193 6.18 26.43 0.20
C GLU A 193 6.50 26.46 1.69
N TYR A 194 5.52 26.89 2.48
CA TYR A 194 5.65 26.92 3.92
C TYR A 194 5.91 25.52 4.48
N THR A 195 5.22 24.54 3.92
CA THR A 195 5.40 23.14 4.30
C THR A 195 6.83 22.70 4.02
N PHE A 196 7.31 23.07 2.84
CA PHE A 196 8.68 22.75 2.44
C PHE A 196 9.69 23.40 3.39
N GLU A 197 9.38 24.60 3.85
CA GLU A 197 10.22 25.29 4.81
C GLU A 197 10.25 24.54 6.14
N LEU A 198 9.07 24.23 6.65
CA LEU A 198 8.92 23.52 7.92
C LEU A 198 9.65 22.19 7.89
N PHE A 199 9.62 21.53 6.74
CA PHE A 199 10.31 20.26 6.60
C PHE A 199 11.77 20.43 6.21
N THR A 200 12.14 21.68 5.93
CA THR A 200 13.54 22.01 5.68
C THR A 200 14.21 22.31 7.01
N LYS A 201 13.40 22.66 8.01
CA LYS A 201 13.90 22.97 9.34
C LYS A 201 14.22 21.78 10.24
N LEU A 202 13.39 20.75 10.15
CA LEU A 202 13.43 19.55 11.02
C LEU A 202 14.55 18.56 10.70
N GLU A 203 14.80 17.62 11.62
CA GLU A 203 15.99 16.79 11.58
C GLU A 203 16.12 15.65 10.58
N GLN A 204 17.34 15.45 10.09
CA GLN A 204 17.66 14.34 9.21
C GLN A 204 18.53 13.33 9.96
N TYR A 205 18.37 12.06 9.60
CA TYR A 205 19.12 10.97 10.22
C TYR A 205 18.98 10.83 11.74
N GLU A 206 17.91 11.37 12.33
CA GLU A 206 17.60 11.18 13.76
C GLU A 206 16.22 11.70 14.16
N THR A 213 22.93 7.73 13.98
CA THR A 213 22.36 8.31 12.77
C THR A 213 22.37 7.33 11.61
N HIS A 214 21.23 7.16 10.97
CA HIS A 214 21.11 6.25 9.83
C HIS A 214 21.34 6.97 8.51
N ILE A 215 22.60 7.01 8.08
CA ILE A 215 22.94 7.58 6.79
C ILE A 215 24.03 6.76 6.10
N ALA A 216 23.66 6.11 5.00
CA ALA A 216 24.59 5.27 4.25
C ALA A 216 24.11 5.08 2.82
N VAL A 217 24.97 4.53 1.97
CA VAL A 217 24.68 4.36 0.55
C VAL A 217 23.41 3.55 0.29
N LYS A 218 22.42 4.21 -0.28
CA LYS A 218 21.20 3.51 -0.67
C LYS A 218 20.99 3.80 -2.14
N PRO A 219 20.86 2.66 -2.97
CA PRO A 219 20.62 3.01 -4.37
C PRO A 219 19.25 3.66 -4.48
N ARG A 220 19.15 4.78 -5.18
CA ARG A 220 17.85 5.36 -5.49
C ARG A 220 17.33 4.82 -6.83
N ASN A 221 16.01 4.73 -6.95
CA ASN A 221 15.40 4.22 -8.18
C ASN A 221 14.06 4.88 -8.50
N GLY A 222 14.01 5.61 -9.61
CA GLY A 222 12.79 6.30 -10.02
C GLY A 222 12.73 6.53 -11.52
N VAL A 223 11.51 6.49 -12.07
CA VAL A 223 11.30 6.60 -13.51
C VAL A 223 11.79 7.93 -14.08
N TYR A 224 11.85 8.02 -15.41
CA TYR A 224 12.35 9.21 -16.08
C TYR A 224 11.45 9.66 -17.23
N GLY A 225 10.83 10.83 -17.06
CA GLY A 225 9.96 11.39 -18.09
C GLY A 225 10.61 12.54 -18.82
N ILE A 226 9.97 13.00 -19.89
CA ILE A 226 10.54 14.06 -20.71
C ILE A 226 10.47 15.42 -20.04
N TYR A 227 9.41 15.66 -19.27
CA TYR A 227 9.22 16.95 -18.61
C TYR A 227 9.00 16.78 -17.11
N GLY A 228 8.49 15.62 -16.71
CA GLY A 228 8.23 15.32 -15.32
C GLY A 228 8.38 13.86 -14.99
N ASP A 229 8.52 13.56 -13.70
CA ASP A 229 8.68 12.18 -13.25
C ASP A 229 7.33 11.53 -12.95
N TYR A 230 6.27 12.10 -13.52
CA TYR A 230 4.92 11.57 -13.32
C TYR A 230 4.76 10.21 -14.01
N LEU A 231 4.76 10.23 -15.34
CA LEU A 231 4.62 9.01 -16.11
C LEU A 231 5.84 8.80 -17.02
N LYS A 232 6.32 7.56 -17.08
CA LYS A 232 7.51 7.23 -17.88
C LYS A 232 7.58 5.76 -18.35
N ALA A 233 8.31 5.51 -19.43
CA ALA A 233 8.46 4.16 -19.98
C ALA A 233 9.82 3.48 -19.75
N SER A 234 10.71 4.12 -18.99
CA SER A 234 12.07 3.64 -18.76
C SER A 234 12.44 3.71 -17.29
N ASP A 235 12.89 2.59 -16.74
CA ASP A 235 13.34 2.53 -15.35
C ASP A 235 14.56 3.42 -15.15
N GLY A 236 14.70 3.97 -13.95
CA GLY A 236 15.74 4.94 -13.68
C GLY A 236 16.77 4.50 -12.65
N ASN A 237 17.99 4.26 -13.14
CA ASN A 237 19.15 3.86 -12.34
C ASN A 237 20.42 4.35 -13.03
N GLU A 238 21.52 4.44 -12.28
CA GLU A 238 22.76 4.98 -12.85
C GLU A 238 22.95 4.41 -14.26
N PHE A 239 22.43 3.21 -14.46
CA PHE A 239 22.37 2.57 -15.78
C PHE A 239 20.91 2.26 -16.09
N PRO A 240 20.19 3.23 -16.68
CA PRO A 240 18.75 3.14 -16.91
C PRO A 240 18.35 1.99 -17.84
N SER A 241 17.07 1.63 -17.82
CA SER A 241 16.55 0.55 -18.66
C SER A 241 15.08 0.76 -18.98
N GLU A 242 14.70 0.56 -20.26
CA GLU A 242 13.29 0.66 -20.71
C GLU A 242 12.26 -0.40 -20.26
N GLU A 243 12.62 -1.68 -20.34
CA GLU A 243 11.89 -2.79 -19.73
C GLU A 243 12.86 -3.83 -19.21
N TYR A 244 13.04 -3.84 -17.88
CA TYR A 244 13.98 -4.78 -17.26
C TYR A 244 13.39 -5.38 -15.99
N ARG A 245 13.60 -6.68 -15.79
CA ARG A 245 13.13 -7.36 -14.60
C ARG A 245 14.28 -7.63 -13.65
N GLU A 246 14.18 -7.11 -12.43
CA GLU A 246 15.25 -7.25 -11.44
C GLU A 246 15.00 -8.43 -10.51
N HIS A 247 16.08 -8.94 -9.92
CA HIS A 247 16.03 -10.15 -9.09
C HIS A 247 15.25 -9.94 -7.80
N ILE A 248 14.13 -10.62 -7.68
CA ILE A 248 13.36 -10.62 -6.43
C ILE A 248 13.73 -11.83 -5.59
N LYS A 249 14.07 -11.60 -4.33
CA LYS A 249 14.53 -12.65 -3.45
C LYS A 249 13.51 -12.98 -2.36
N GLU A 250 13.16 -14.27 -2.26
CA GLU A 250 12.29 -14.73 -1.19
C GLU A 250 13.08 -14.80 0.12
N PHE A 251 12.64 -14.04 1.12
CA PHE A 251 13.38 -13.95 2.38
C PHE A 251 12.54 -14.34 3.58
N VAL A 252 13.17 -14.31 4.75
CA VAL A 252 12.52 -14.56 6.04
C VAL A 252 11.89 -15.94 6.16
N VAL A 253 12.39 -16.93 5.44
CA VAL A 253 11.59 -18.10 5.15
C VAL A 253 11.02 -18.73 6.43
N GLU A 254 11.76 -18.73 7.52
CA GLU A 254 11.22 -19.26 8.77
C GLU A 254 9.97 -18.48 9.18
N HIS A 255 10.06 -17.17 9.16
CA HIS A 255 8.90 -16.34 9.47
C HIS A 255 8.77 -15.40 8.30
N SER A 256 8.37 -15.97 7.17
CA SER A 256 8.23 -15.21 5.93
C SER A 256 6.78 -14.83 5.65
N PHE A 257 6.57 -13.54 5.39
CA PHE A 257 5.27 -13.05 4.98
C PHE A 257 5.38 -12.33 3.64
N ALA A 258 6.61 -11.99 3.27
CA ALA A 258 6.87 -11.30 2.02
C ALA A 258 8.26 -11.63 1.47
N LYS A 259 8.50 -11.23 0.23
CA LYS A 259 9.79 -11.48 -0.42
C LYS A 259 10.44 -10.16 -0.82
N HIS A 260 11.66 -9.94 -0.33
CA HIS A 260 12.41 -8.71 -0.62
C HIS A 260 12.79 -8.60 -2.10
N SER A 261 13.30 -7.44 -2.47
CA SER A 261 13.72 -7.20 -3.85
C SER A 261 15.14 -6.65 -3.91
N HIS A 262 15.95 -7.24 -4.79
CA HIS A 262 17.32 -6.80 -4.96
C HIS A 262 17.59 -6.33 -6.39
N TYR A 263 17.67 -5.02 -6.57
CA TYR A 263 18.03 -4.45 -7.86
C TYR A 263 19.54 -4.46 -8.02
N HIS A 264 20.00 -5.04 -9.13
CA HIS A 264 21.43 -5.23 -9.40
C HIS A 264 22.09 -6.04 -8.28
N GLY A 265 21.32 -6.90 -7.63
CA GLY A 265 21.81 -7.76 -6.58
C GLY A 265 22.08 -7.04 -5.27
N LYS A 266 21.40 -5.92 -5.05
CA LYS A 266 21.61 -5.14 -3.84
C LYS A 266 20.33 -4.42 -3.41
N PRO A 267 20.12 -4.28 -2.09
CA PRO A 267 18.97 -3.56 -1.55
C PRO A 267 18.95 -2.11 -1.99
N PHE A 268 17.82 -1.64 -2.51
CA PHE A 268 17.72 -0.30 -3.05
C PHE A 268 16.50 0.43 -2.49
N MET A 269 16.38 1.72 -2.80
CA MET A 269 15.32 2.55 -2.25
C MET A 269 14.57 3.32 -3.34
N VAL A 270 13.27 3.46 -3.15
CA VAL A 270 12.44 4.26 -4.05
C VAL A 270 11.67 5.31 -3.26
N GLY A 271 11.20 6.34 -3.95
CA GLY A 271 10.47 7.43 -3.31
C GLY A 271 10.86 8.77 -3.89
N ALA A 272 10.41 9.85 -3.25
CA ALA A 272 10.66 11.20 -3.73
C ALA A 272 12.16 11.48 -3.91
N ILE A 273 12.97 10.95 -2.99
CA ILE A 273 14.42 11.06 -3.10
C ILE A 273 14.92 10.53 -4.43
N SER A 274 14.44 9.35 -4.81
CA SER A 274 14.84 8.72 -6.05
C SER A 274 14.46 9.57 -7.27
N ARG A 275 13.25 10.11 -7.24
CA ARG A 275 12.76 10.95 -8.32
C ARG A 275 13.57 12.23 -8.44
N LEU A 276 14.04 12.74 -7.31
CA LEU A 276 14.86 13.95 -7.31
C LEU A 276 16.26 13.66 -7.83
N VAL A 277 16.84 12.55 -7.39
CA VAL A 277 18.19 12.16 -7.80
C VAL A 277 18.25 11.87 -9.30
N ASN A 278 17.29 11.08 -9.79
CA ASN A 278 17.30 10.67 -11.20
C ASN A 278 16.80 11.75 -12.15
N ASN A 279 15.71 12.42 -11.80
CA ASN A 279 15.09 13.41 -12.67
C ASN A 279 15.33 14.85 -12.25
N ALA A 280 16.53 15.13 -11.73
CA ALA A 280 16.87 16.46 -11.24
C ALA A 280 16.80 17.51 -12.35
N ASP A 281 17.39 17.18 -13.50
CA ASP A 281 17.49 18.13 -14.60
C ASP A 281 16.13 18.38 -15.26
N THR A 282 15.20 17.43 -15.07
CA THR A 282 13.88 17.55 -15.66
C THR A 282 12.98 18.50 -14.87
N LEU A 283 13.49 18.96 -13.72
CA LEU A 283 12.73 19.83 -12.85
C LEU A 283 12.80 21.29 -13.30
N TYR A 284 11.76 22.04 -13.00
CA TYR A 284 11.69 23.45 -13.38
C TYR A 284 10.77 24.24 -12.45
N GLY A 285 10.91 25.56 -12.46
CA GLY A 285 10.07 26.42 -11.65
C GLY A 285 10.64 26.70 -10.28
N ARG A 286 9.76 27.02 -9.33
CA ARG A 286 10.16 27.31 -7.96
C ARG A 286 10.83 26.11 -7.31
N ALA A 287 10.34 24.91 -7.64
CA ALA A 287 10.89 23.68 -7.11
C ALA A 287 12.35 23.51 -7.53
N LYS A 288 12.68 23.95 -8.73
CA LYS A 288 14.04 23.88 -9.24
C LYS A 288 14.97 24.79 -8.45
N GLU A 289 14.46 25.97 -8.08
CA GLU A 289 15.22 26.92 -7.31
C GLU A 289 15.43 26.43 -5.89
N LEU A 290 14.36 25.91 -5.29
CA LEU A 290 14.42 25.37 -3.94
C LEU A 290 15.36 24.16 -3.88
N TYR A 291 15.39 23.40 -4.97
CA TYR A 291 16.29 22.27 -5.06
C TYR A 291 17.73 22.74 -5.18
N GLU A 292 17.96 23.71 -6.06
CA GLU A 292 19.29 24.28 -6.26
C GLU A 292 19.80 24.91 -4.98
N SER A 293 18.88 25.32 -4.11
CA SER A 293 19.23 25.94 -2.83
C SER A 293 19.54 24.88 -1.79
N TYR A 294 18.65 23.90 -1.67
CA TYR A 294 18.78 22.86 -0.66
C TYR A 294 19.40 21.58 -1.20
N LYS A 295 20.16 21.70 -2.29
CA LYS A 295 20.75 20.56 -2.97
C LYS A 295 21.54 19.65 -2.04
N ASP A 296 22.12 20.23 -0.99
CA ASP A 296 22.91 19.47 -0.04
C ASP A 296 22.02 18.80 1.02
N LEU A 297 20.90 19.45 1.35
CA LEU A 297 20.03 18.97 2.42
C LEU A 297 19.40 17.63 2.07
N LEU A 298 19.10 17.40 0.80
CA LEU A 298 18.61 16.09 0.39
C LEU A 298 19.74 15.27 -0.24
N ARG A 299 20.22 14.29 0.51
CA ARG A 299 21.30 13.43 0.05
C ARG A 299 20.74 12.11 -0.46
N SER A 300 21.48 11.46 -1.36
CA SER A 300 21.05 10.19 -1.92
C SER A 300 21.34 9.02 -0.98
N THR A 301 21.72 9.34 0.25
CA THR A 301 22.09 8.32 1.22
C THR A 301 21.32 8.45 2.54
N ASN A 302 20.29 9.29 2.55
CA ASN A 302 19.49 9.49 3.76
C ASN A 302 17.99 9.29 3.52
N PRO A 303 17.37 8.43 4.33
CA PRO A 303 15.94 8.09 4.24
C PRO A 303 15.01 9.23 4.66
N PHE A 304 15.45 10.05 5.63
CA PHE A 304 14.59 11.09 6.20
C PHE A 304 14.31 12.24 5.23
N ALA A 305 15.32 12.62 4.45
CA ALA A 305 15.21 13.73 3.50
C ALA A 305 14.02 13.55 2.57
N ASN A 306 13.68 12.29 2.32
CA ASN A 306 12.51 11.93 1.53
C ASN A 306 11.28 12.73 1.93
N ASN A 307 11.03 12.79 3.24
CA ASN A 307 9.93 13.59 3.76
C ASN A 307 9.99 15.01 3.21
N LEU A 308 11.11 15.68 3.44
CA LEU A 308 11.34 17.01 2.91
C LEU A 308 11.12 17.03 1.41
N ALA A 309 11.65 16.01 0.73
CA ALA A 309 11.53 15.90 -0.72
C ALA A 309 10.07 15.89 -1.12
N GLN A 310 9.25 15.17 -0.36
CA GLN A 310 7.83 15.10 -0.64
C GLN A 310 7.20 16.49 -0.53
N ALA A 311 7.65 17.25 0.46
CA ALA A 311 7.20 18.63 0.61
C ALA A 311 7.58 19.42 -0.63
N LEU A 312 8.77 19.16 -1.14
CA LEU A 312 9.22 19.81 -2.37
C LEU A 312 8.31 19.38 -3.51
N GLU A 313 7.92 18.11 -3.48
CA GLU A 313 7.01 17.58 -4.49
C GLU A 313 5.61 18.14 -4.30
N LEU A 314 5.34 18.66 -3.10
CA LEU A 314 4.06 19.32 -2.86
C LEU A 314 4.06 20.68 -3.53
N VAL A 315 5.25 21.16 -3.89
CA VAL A 315 5.38 22.42 -4.61
C VAL A 315 5.38 22.19 -6.12
N TYR A 316 6.31 21.35 -6.58
CA TYR A 316 6.45 21.04 -8.00
C TYR A 316 5.14 20.64 -8.66
N PHE A 317 4.52 19.58 -8.15
CA PHE A 317 3.29 19.06 -8.73
C PHE A 317 2.13 20.02 -8.59
N THR A 318 2.30 21.08 -7.79
CA THR A 318 1.28 22.10 -7.69
C THR A 318 1.33 23.02 -8.90
N GLU A 319 2.55 23.29 -9.36
CA GLU A 319 2.77 24.19 -10.49
C GLU A 319 2.56 23.49 -11.82
N ARG A 320 3.20 22.32 -11.97
CA ARG A 320 3.12 21.54 -13.20
C ARG A 320 1.68 21.31 -13.63
N ALA A 321 0.83 21.02 -12.66
CA ALA A 321 -0.60 20.81 -12.90
C ALA A 321 -1.18 21.95 -13.73
N ILE A 322 -0.90 23.18 -13.32
CA ILE A 322 -1.36 24.36 -14.03
C ILE A 322 -0.96 24.30 -15.51
N ASP A 323 0.30 23.99 -15.76
CA ASP A 323 0.79 23.87 -17.12
C ASP A 323 -0.02 22.82 -17.87
N LEU A 324 -0.27 21.69 -17.20
CA LEU A 324 -1.07 20.63 -17.80
C LEU A 324 -2.46 21.15 -18.14
N ILE A 325 -3.00 21.99 -17.28
CA ILE A 325 -4.30 22.60 -17.54
C ILE A 325 -4.20 23.48 -18.78
N ASP A 326 -3.11 24.23 -18.88
CA ASP A 326 -2.87 25.07 -20.04
C ASP A 326 -2.51 24.21 -21.26
N GLU A 327 -2.20 22.94 -21.00
CA GLU A 327 -1.99 21.97 -22.06
C GLU A 327 -3.32 21.30 -22.39
N ALA A 328 -4.23 21.32 -21.42
CA ALA A 328 -5.55 20.71 -21.60
C ALA A 328 -6.51 21.67 -22.29
N LEU A 329 -6.28 22.98 -22.10
CA LEU A 329 -7.12 23.99 -22.72
C LEU A 329 -6.66 24.29 -24.14
N ALA A 330 -5.69 23.52 -24.63
CA ALA A 330 -5.23 23.65 -26.01
C ALA A 330 -6.34 23.24 -26.97
N LYS A 331 -7.20 22.35 -26.51
CA LYS A 331 -8.37 21.91 -27.28
C LYS A 331 -9.63 21.95 -26.43
N TRP A 332 -10.47 22.95 -26.66
CA TRP A 332 -11.68 23.14 -25.86
C TRP A 332 -12.67 21.97 -25.96
N PRO A 333 -13.01 21.51 -27.19
CA PRO A 333 -13.91 20.35 -27.19
C PRO A 333 -13.18 19.06 -26.84
N ILE A 334 -13.62 18.40 -25.77
CA ILE A 334 -12.97 17.18 -25.31
C ILE A 334 -13.94 16.00 -25.26
N ARG A 335 -13.55 14.90 -25.87
CA ARG A 335 -14.38 13.69 -25.89
C ARG A 335 -13.52 12.44 -25.72
N PRO A 336 -13.86 11.61 -24.72
CA PRO A 336 -13.14 10.36 -24.42
C PRO A 336 -13.09 9.41 -25.62
N ARG A 337 -11.89 9.12 -26.10
CA ARG A 337 -11.72 8.22 -27.23
C ARG A 337 -12.01 6.78 -26.82
N ASP A 338 -12.13 5.90 -27.81
CA ASP A 338 -12.34 4.49 -27.53
C ASP A 338 -11.29 3.64 -28.21
N GLU A 339 -10.93 2.52 -27.60
CA GLU A 339 -9.87 1.67 -28.12
C GLU A 339 -10.40 0.29 -28.50
N VAL A 340 -9.70 -0.36 -29.42
CA VAL A 340 -10.02 -1.73 -29.81
C VAL A 340 -9.01 -2.69 -29.19
N ALA A 341 -9.52 -3.69 -28.48
CA ALA A 341 -8.66 -4.66 -27.80
C ALA A 341 -7.83 -5.46 -28.79
N LEU A 342 -6.66 -5.89 -28.33
CA LEU A 342 -5.76 -6.66 -29.17
C LEU A 342 -5.31 -7.95 -28.47
N LYS A 343 -5.41 -9.04 -29.19
CA LYS A 343 -5.07 -10.36 -28.66
C LYS A 343 -3.56 -10.53 -28.57
N ASP A 344 -3.11 -11.27 -27.56
CA ASP A 344 -1.70 -11.55 -27.34
C ASP A 344 -0.89 -10.28 -27.20
N GLY A 345 -1.36 -9.37 -26.34
CA GLY A 345 -0.70 -8.09 -26.18
C GLY A 345 -0.05 -7.93 -24.82
N PHE A 346 1.24 -7.64 -24.82
CA PHE A 346 1.98 -7.44 -23.58
C PHE A 346 2.14 -5.95 -23.29
N GLY A 347 1.79 -5.56 -22.07
CA GLY A 347 1.88 -4.17 -21.68
C GLY A 347 2.37 -4.00 -20.26
N VAL A 348 3.56 -3.42 -20.11
CA VAL A 348 4.16 -3.21 -18.80
C VAL A 348 4.28 -1.73 -18.47
N SER A 349 3.30 -1.21 -17.75
CA SER A 349 3.31 0.19 -17.32
C SER A 349 4.07 0.34 -16.01
N THR A 350 5.05 1.23 -16.01
CA THR A 350 5.82 1.53 -14.81
C THR A 350 5.56 2.98 -14.39
N THR A 351 4.70 3.16 -13.40
CA THR A 351 4.34 4.50 -12.96
C THR A 351 5.14 4.88 -11.71
N GLU A 352 4.91 6.11 -11.23
CA GLU A 352 5.65 6.61 -10.08
C GLU A 352 4.71 7.08 -8.98
N ALA A 353 4.15 6.12 -8.24
CA ALA A 353 3.31 6.40 -7.09
C ALA A 353 4.05 7.22 -6.04
N PRO A 354 3.32 7.90 -5.14
CA PRO A 354 3.94 8.62 -4.02
C PRO A 354 4.84 7.73 -3.16
N ARG A 355 4.46 6.46 -3.02
CA ARG A 355 5.26 5.51 -2.25
C ARG A 355 6.58 5.19 -2.95
N GLY A 356 6.62 5.42 -4.26
CA GLY A 356 7.77 5.11 -5.08
C GLY A 356 7.29 4.54 -6.40
N VAL A 357 8.19 3.92 -7.16
CA VAL A 357 7.82 3.38 -8.47
C VAL A 357 6.89 2.16 -8.33
N LEU A 358 5.74 2.24 -8.98
CA LEU A 358 4.77 1.15 -8.97
C LEU A 358 4.78 0.42 -10.31
N VAL A 359 4.76 -0.91 -10.25
CA VAL A 359 4.92 -1.73 -11.46
C VAL A 359 3.65 -2.53 -11.80
N TYR A 360 3.21 -2.41 -13.05
CA TYR A 360 2.05 -3.14 -13.54
C TYR A 360 2.34 -3.87 -14.84
N ALA A 361 2.43 -5.20 -14.76
CA ALA A 361 2.71 -6.02 -15.94
C ALA A 361 1.48 -6.83 -16.34
N LEU A 362 0.94 -6.55 -17.52
CA LEU A 362 -0.29 -7.18 -17.98
C LEU A 362 -0.20 -7.73 -19.40
N LYS A 363 -0.29 -9.05 -19.53
CA LYS A 363 -0.34 -9.70 -20.83
C LYS A 363 -1.74 -10.26 -21.09
N VAL A 364 -2.37 -9.79 -22.17
CA VAL A 364 -3.75 -10.11 -22.47
C VAL A 364 -3.89 -11.05 -23.66
N GLU A 365 -4.71 -12.09 -23.50
CA GLU A 365 -4.99 -13.06 -24.56
C GLU A 365 -6.49 -13.31 -24.67
N ASN A 366 -7.00 -13.30 -25.91
CA ASN A 366 -8.43 -13.48 -26.19
C ASN A 366 -9.32 -12.48 -25.45
N GLY A 367 -8.80 -11.28 -25.20
CA GLY A 367 -9.55 -10.25 -24.49
C GLY A 367 -9.67 -10.53 -23.01
N ARG A 368 -9.02 -11.59 -22.56
CA ARG A 368 -9.03 -11.95 -21.14
C ARG A 368 -7.62 -11.89 -20.56
N VAL A 369 -7.52 -11.78 -19.25
CA VAL A 369 -6.23 -11.68 -18.57
C VAL A 369 -5.45 -12.99 -18.66
N SER A 370 -4.23 -12.92 -19.20
CA SER A 370 -3.38 -14.09 -19.34
C SER A 370 -2.26 -14.10 -18.31
N TYR A 371 -1.52 -13.00 -18.24
CA TYR A 371 -0.44 -12.88 -17.26
C TYR A 371 -0.53 -11.57 -16.48
N ALA A 372 -0.40 -11.67 -15.16
CA ALA A 372 -0.49 -10.49 -14.29
C ALA A 372 0.63 -10.47 -13.27
N ASP A 373 1.39 -9.38 -13.24
CA ASP A 373 2.47 -9.22 -12.27
C ASP A 373 2.54 -7.79 -11.77
N ILE A 374 2.09 -7.58 -10.53
CA ILE A 374 2.06 -6.24 -9.94
C ILE A 374 3.07 -6.14 -8.81
N ILE A 375 3.86 -5.07 -8.79
CA ILE A 375 4.84 -4.87 -7.73
C ILE A 375 4.73 -3.49 -7.10
N THR A 376 4.74 -3.46 -5.76
CA THR A 376 4.56 -2.24 -4.98
C THR A 376 5.88 -1.63 -4.54
N PRO A 377 5.95 -0.29 -4.49
CA PRO A 377 7.13 0.47 -4.04
C PRO A 377 7.61 0.05 -2.65
N THR A 378 6.66 -0.27 -1.78
CA THR A 378 6.96 -0.69 -0.42
C THR A 378 7.88 -1.91 -0.41
N ALA A 379 7.66 -2.82 -1.36
CA ALA A 379 8.49 -4.00 -1.51
C ALA A 379 9.92 -3.62 -1.87
N PHE A 380 10.05 -2.56 -2.67
CA PHE A 380 11.36 -2.05 -3.06
C PHE A 380 12.08 -1.46 -1.85
N ASN A 381 11.34 -0.70 -1.05
CA ASN A 381 11.93 -0.03 0.11
C ASN A 381 12.22 -0.97 1.27
N LEU A 382 11.55 -2.12 1.29
CA LEU A 382 11.65 -3.06 2.41
C LEU A 382 13.08 -3.53 2.70
N ALA A 383 13.83 -3.81 1.64
CA ALA A 383 15.18 -4.33 1.78
C ALA A 383 16.10 -3.31 2.47
N MET A 384 16.11 -2.09 1.94
CA MET A 384 16.93 -1.03 2.52
C MET A 384 16.46 -0.64 3.92
N MET A 385 15.15 -0.63 4.11
CA MET A 385 14.59 -0.33 5.42
C MET A 385 15.07 -1.35 6.46
N GLU A 386 15.15 -2.61 6.04
CA GLU A 386 15.73 -3.64 6.88
C GLU A 386 17.22 -3.36 7.06
N GLN A 387 17.84 -2.79 6.03
CA GLN A 387 19.25 -2.45 6.08
C GLN A 387 19.50 -1.09 6.74
N HIS A 388 18.46 -0.28 6.84
CA HIS A 388 18.57 1.05 7.47
C HIS A 388 18.72 0.96 8.98
N VAL A 389 18.61 -0.26 9.51
CA VAL A 389 18.69 -0.45 10.95
C VAL A 389 20.13 -0.57 11.43
N ARG A 390 20.74 0.59 11.71
CA ARG A 390 22.00 0.63 12.41
C ARG A 390 21.79 1.34 13.73
N MET A 391 20.55 1.26 14.21
CA MET A 391 20.13 1.98 15.40
C MET A 391 20.80 1.47 16.67
N MET A 392 21.62 2.32 17.26
CA MET A 392 22.33 1.99 18.48
C MET A 392 21.88 2.91 19.61
N ALA A 393 20.95 2.41 20.41
CA ALA A 393 20.42 3.18 21.53
C ALA A 393 20.08 2.26 22.70
N GLU A 394 19.80 2.86 23.85
CA GLU A 394 19.43 2.10 25.04
C GLU A 394 18.15 2.64 25.66
N LYS A 395 17.05 1.95 25.42
CA LYS A 395 15.75 2.37 25.95
C LYS A 395 15.43 1.71 27.28
N LYS A 403 12.02 3.88 23.84
CA LYS A 403 12.66 5.11 23.36
C LYS A 403 13.18 4.93 21.94
N LEU A 404 13.96 3.87 21.72
CA LEU A 404 14.51 3.58 20.40
C LEU A 404 13.40 3.16 19.43
N LYS A 405 12.29 2.68 19.98
CA LYS A 405 11.13 2.31 19.18
C LYS A 405 10.61 3.51 18.41
N LEU A 406 10.69 4.68 19.03
CA LEU A 406 10.25 5.92 18.37
C LEU A 406 11.19 6.30 17.25
N LEU A 407 12.50 6.17 17.48
CA LEU A 407 13.50 6.46 16.46
C LEU A 407 13.30 5.56 15.24
N ALA A 408 13.12 4.27 15.50
CA ALA A 408 12.86 3.30 14.45
C ALA A 408 11.56 3.63 13.72
N GLU A 409 10.55 4.06 14.48
CA GLU A 409 9.28 4.45 13.90
C GLU A 409 9.44 5.66 12.98
N MET A 410 10.35 6.55 13.33
CA MET A 410 10.62 7.73 12.50
C MET A 410 11.37 7.33 11.24
N VAL A 411 12.30 6.38 11.38
CA VAL A 411 13.02 5.85 10.25
C VAL A 411 12.05 5.20 9.26
N VAL A 412 11.06 4.49 9.81
CA VAL A 412 10.05 3.83 9.01
C VAL A 412 9.11 4.84 8.33
N ARG A 413 8.64 5.81 9.10
CA ARG A 413 7.72 6.82 8.57
C ARG A 413 8.43 7.77 7.61
N ALA A 414 9.76 7.72 7.60
CA ALA A 414 10.55 8.48 6.63
C ALA A 414 10.34 7.89 5.24
N TYR A 415 9.89 6.64 5.19
CA TYR A 415 9.63 5.96 3.93
C TYR A 415 8.14 6.00 3.55
N ASP A 416 7.34 6.62 4.43
CA ASP A 416 5.88 6.76 4.27
C ASP A 416 4.99 5.49 4.13
N PRO A 417 5.11 4.52 5.04
CA PRO A 417 4.40 3.25 4.85
C PRO A 417 2.89 3.45 4.98
N CYS A 418 2.12 2.48 4.52
CA CYS A 418 0.66 2.53 4.63
C CYS A 418 0.23 2.49 6.10
N ILE A 419 0.88 1.61 6.85
CA ILE A 419 0.66 1.50 8.29
C ILE A 419 1.83 0.73 8.91
N SER A 420 2.21 1.12 10.13
CA SER A 420 3.38 0.50 10.77
C SER A 420 3.36 0.60 12.28
N CYS A 421 4.14 -0.26 12.94
CA CYS A 421 4.27 -0.24 14.39
C CYS A 421 5.57 -0.94 14.81
N SER A 422 6.14 -0.49 15.92
CA SER A 422 7.43 -1.03 16.39
C SER A 422 7.27 -1.93 17.61
N VAL A 423 7.80 -3.14 17.52
CA VAL A 423 7.80 -4.08 18.64
C VAL A 423 9.20 -4.53 18.98
N HIS A 424 9.63 -4.29 20.21
CA HIS A 424 10.98 -4.64 20.62
C HIS A 424 10.98 -5.75 21.67
N VAL A 425 11.53 -6.90 21.30
CA VAL A 425 11.66 -8.02 22.24
C VAL A 425 12.92 -7.86 23.08
N ALA A 426 12.74 -7.89 24.40
CA ALA A 426 13.87 -7.73 25.32
C ALA A 426 14.17 -9.03 26.05
N HIS B 2 -5.18 -11.04 9.77
CA HIS B 2 -4.86 -10.97 8.35
C HIS B 2 -4.92 -12.35 7.71
N GLU B 3 -5.25 -12.38 6.42
CA GLU B 3 -5.43 -13.64 5.70
C GLU B 3 -4.13 -14.41 5.54
N TRP B 4 -3.09 -13.73 5.07
CA TRP B 4 -1.80 -14.38 4.79
C TRP B 4 -1.09 -14.84 6.06
N ALA B 5 -1.18 -14.04 7.12
CA ALA B 5 -0.55 -14.39 8.38
C ALA B 5 -1.26 -15.58 9.02
N LEU B 6 -2.59 -15.55 8.99
CA LEU B 6 -3.40 -16.64 9.51
C LEU B 6 -3.12 -17.93 8.75
N ALA B 7 -3.13 -17.84 7.42
CA ALA B 7 -2.85 -18.97 6.56
C ALA B 7 -1.44 -19.50 6.78
N ASP B 8 -0.50 -18.59 7.07
CA ASP B 8 0.87 -18.98 7.35
C ASP B 8 0.95 -19.76 8.66
N ALA B 9 0.20 -19.29 9.66
CA ALA B 9 0.11 -20.00 10.93
C ALA B 9 -0.45 -21.40 10.71
N ILE B 10 -1.50 -21.49 9.91
CA ILE B 10 -2.12 -22.77 9.58
C ILE B 10 -1.11 -23.71 8.91
N VAL B 11 -0.42 -23.20 7.89
CA VAL B 11 0.56 -23.99 7.15
C VAL B 11 1.67 -24.50 8.06
N ARG B 12 2.27 -23.61 8.83
CA ARG B 12 3.36 -23.97 9.74
C ARG B 12 2.89 -25.01 10.76
N THR B 13 1.69 -24.82 11.30
CA THR B 13 1.12 -25.73 12.27
C THR B 13 0.91 -27.12 11.68
N VAL B 14 0.29 -27.18 10.50
CA VAL B 14 0.02 -28.45 9.83
C VAL B 14 1.32 -29.18 9.49
N LEU B 15 2.29 -28.45 8.96
CA LEU B 15 3.58 -29.03 8.63
C LEU B 15 4.29 -29.55 9.88
N ASP B 16 4.12 -28.84 10.99
CA ASP B 16 4.71 -29.26 12.26
C ASP B 16 4.07 -30.56 12.75
N TYR B 17 2.74 -30.62 12.70
CA TYR B 17 2.01 -31.81 13.12
C TYR B 17 2.35 -33.01 12.24
N ALA B 18 2.54 -32.75 10.95
CA ALA B 18 2.96 -33.79 10.01
C ALA B 18 4.37 -34.23 10.33
N GLN B 19 5.17 -33.30 10.85
CA GLN B 19 6.53 -33.62 11.29
C GLN B 19 6.51 -34.37 12.61
N ARG B 20 5.37 -34.34 13.29
CA ARG B 20 5.21 -35.05 14.55
C ARG B 20 4.69 -36.47 14.35
N GLU B 21 3.75 -36.64 13.41
CA GLU B 21 3.15 -37.94 13.17
C GLU B 21 3.88 -38.70 12.07
N GLY B 22 4.91 -38.08 11.51
CA GLY B 22 5.70 -38.71 10.47
C GLY B 22 4.91 -38.92 9.19
N ALA B 23 4.17 -37.89 8.79
CA ALA B 23 3.36 -37.95 7.57
C ALA B 23 4.23 -37.78 6.34
N SER B 24 3.99 -38.61 5.32
CA SER B 24 4.73 -38.51 4.07
C SER B 24 4.13 -37.44 3.18
N ARG B 25 2.80 -37.30 3.22
CA ARG B 25 2.10 -36.30 2.43
C ARG B 25 0.72 -36.00 3.00
N VAL B 26 0.22 -34.79 2.74
CA VAL B 26 -1.11 -34.40 3.20
C VAL B 26 -2.06 -34.28 2.00
N LYS B 27 -3.23 -34.88 2.12
CA LYS B 27 -4.17 -34.94 1.00
C LYS B 27 -5.32 -33.94 1.13
N ALA B 28 -5.79 -33.72 2.35
CA ALA B 28 -6.92 -32.83 2.58
C ALA B 28 -6.86 -32.20 3.97
N VAL B 29 -7.29 -30.95 4.05
CA VAL B 29 -7.28 -30.21 5.31
C VAL B 29 -8.62 -29.49 5.54
N ARG B 30 -9.25 -29.74 6.67
CA ARG B 30 -10.51 -29.06 7.01
C ARG B 30 -10.32 -28.14 8.21
N VAL B 31 -10.54 -26.85 7.99
CA VAL B 31 -10.31 -25.86 9.04
C VAL B 31 -11.61 -25.16 9.44
N VAL B 32 -11.87 -25.08 10.73
CA VAL B 32 -13.04 -24.37 11.24
C VAL B 32 -12.66 -22.95 11.65
N LEU B 33 -13.35 -21.97 11.07
CA LEU B 33 -13.05 -20.56 11.34
C LEU B 33 -14.21 -19.85 12.01
N GLY B 34 -13.88 -19.00 12.99
CA GLY B 34 -14.88 -18.18 13.65
C GLY B 34 -15.30 -17.03 12.76
N GLU B 35 -16.59 -16.67 12.80
CA GLU B 35 -17.11 -15.63 11.93
C GLU B 35 -16.71 -14.24 12.39
N LEU B 36 -16.14 -14.15 13.59
CA LEU B 36 -15.63 -12.88 14.09
C LEU B 36 -14.40 -12.44 13.29
N GLN B 37 -13.75 -13.41 12.66
CA GLN B 37 -12.59 -13.12 11.81
C GLN B 37 -13.05 -12.48 10.51
N ASP B 38 -12.46 -11.34 10.17
CA ASP B 38 -12.85 -10.59 8.99
C ASP B 38 -12.05 -11.01 7.75
N VAL B 39 -11.27 -12.08 7.88
CA VAL B 39 -10.48 -12.59 6.77
C VAL B 39 -11.38 -13.19 5.70
N ALA B 40 -10.98 -13.02 4.43
CA ALA B 40 -11.74 -13.58 3.32
C ALA B 40 -11.27 -15.01 3.04
N GLU B 41 -12.24 -15.92 2.98
CA GLU B 41 -11.95 -17.35 2.87
C GLU B 41 -11.13 -17.70 1.63
N ASP B 42 -11.42 -17.04 0.52
CA ASP B 42 -10.70 -17.29 -0.72
C ASP B 42 -9.23 -16.91 -0.60
N ILE B 43 -8.96 -15.77 0.05
CA ILE B 43 -7.60 -15.31 0.23
C ILE B 43 -6.81 -16.26 1.13
N VAL B 44 -7.43 -16.68 2.22
CA VAL B 44 -6.79 -17.58 3.17
C VAL B 44 -6.51 -18.93 2.51
N LYS B 45 -7.53 -19.49 1.86
CA LYS B 45 -7.38 -20.74 1.12
C LYS B 45 -6.25 -20.65 0.13
N PHE B 46 -6.22 -19.58 -0.64
CA PHE B 46 -5.19 -19.38 -1.65
C PHE B 46 -3.81 -19.33 -1.02
N ALA B 47 -3.66 -18.54 0.04
CA ALA B 47 -2.39 -18.38 0.71
C ALA B 47 -1.89 -19.72 1.25
N MET B 48 -2.81 -20.49 1.83
CA MET B 48 -2.51 -21.85 2.28
C MET B 48 -2.00 -22.69 1.12
N GLU B 49 -2.69 -22.58 -0.01
CA GLU B 49 -2.33 -23.33 -1.22
C GLU B 49 -0.95 -22.94 -1.73
N GLN B 50 -0.55 -21.70 -1.47
CA GLN B 50 0.75 -21.20 -1.93
C GLN B 50 1.88 -21.62 -1.01
N LEU B 51 1.65 -21.54 0.29
CA LEU B 51 2.70 -21.87 1.25
C LEU B 51 2.90 -23.37 1.39
N PHE B 52 1.90 -24.14 0.94
CA PHE B 52 2.00 -25.60 0.95
C PHE B 52 2.96 -26.09 -0.13
N ALA B 53 3.16 -25.28 -1.15
CA ALA B 53 4.08 -25.61 -2.24
C ALA B 53 5.50 -25.77 -1.72
N GLY B 54 6.21 -26.76 -2.24
CA GLY B 54 7.57 -27.03 -1.81
C GLY B 54 7.61 -27.92 -0.57
N THR B 55 6.44 -28.24 -0.05
CA THR B 55 6.34 -29.09 1.14
C THR B 55 5.57 -30.36 0.83
N ILE B 56 5.42 -31.21 1.86
CA ILE B 56 4.73 -32.48 1.70
C ILE B 56 3.21 -32.31 1.69
N ALA B 57 2.76 -31.14 2.12
CA ALA B 57 1.33 -30.84 2.17
C ALA B 57 0.87 -30.14 0.88
N GLU B 58 1.67 -30.28 -0.17
CA GLU B 58 1.37 -29.63 -1.44
C GLU B 58 0.27 -30.35 -2.21
N GLY B 59 -0.73 -29.58 -2.66
CA GLY B 59 -1.81 -30.14 -3.46
C GLY B 59 -2.98 -30.64 -2.64
N ALA B 60 -3.02 -30.28 -1.36
CA ALA B 60 -4.07 -30.72 -0.46
C ALA B 60 -5.39 -29.99 -0.74
N GLU B 61 -6.50 -30.63 -0.43
CA GLU B 61 -7.81 -30.02 -0.62
C GLU B 61 -8.27 -29.29 0.63
N ILE B 62 -8.35 -27.97 0.53
CA ILE B 62 -8.74 -27.14 1.67
C ILE B 62 -10.25 -26.95 1.75
N GLU B 63 -10.81 -27.23 2.92
CA GLU B 63 -12.23 -27.06 3.17
C GLU B 63 -12.46 -26.21 4.41
N PHE B 64 -13.14 -25.09 4.23
CA PHE B 64 -13.41 -24.18 5.34
C PHE B 64 -14.82 -24.36 5.92
N VAL B 65 -14.90 -24.44 7.24
CA VAL B 65 -16.17 -24.55 7.94
C VAL B 65 -16.35 -23.37 8.89
N GLU B 66 -17.28 -22.49 8.55
CA GLU B 66 -17.53 -21.29 9.35
C GLU B 66 -18.44 -21.60 10.53
N GLU B 67 -17.98 -21.26 11.74
CA GLU B 67 -18.79 -21.44 12.94
C GLU B 67 -19.42 -20.12 13.36
N GLU B 68 -20.53 -20.20 14.08
CA GLU B 68 -21.25 -19.01 14.51
C GLU B 68 -20.65 -18.38 15.75
N ALA B 69 -21.05 -17.15 16.06
CA ALA B 69 -20.56 -16.45 17.23
C ALA B 69 -21.62 -16.42 18.34
N VAL B 70 -21.20 -16.77 19.55
CA VAL B 70 -22.12 -16.84 20.69
C VAL B 70 -21.68 -15.91 21.81
N PHE B 71 -22.57 -14.99 22.19
CA PHE B 71 -22.26 -14.04 23.26
C PHE B 71 -23.05 -14.38 24.53
N LYS B 72 -22.44 -14.12 25.69
CA LYS B 72 -23.08 -14.42 26.96
C LYS B 72 -22.84 -13.31 27.99
N CYS B 73 -23.89 -12.56 28.30
CA CYS B 73 -23.84 -11.51 29.31
C CYS B 73 -24.04 -12.07 30.71
N ARG B 74 -23.16 -11.68 31.62
CA ARG B 74 -23.18 -12.17 32.99
C ARG B 74 -24.06 -11.31 33.89
N ASN B 75 -24.40 -10.10 33.44
CA ASN B 75 -25.22 -9.19 34.22
C ASN B 75 -26.63 -9.72 34.41
N CYS B 76 -27.02 -10.69 33.58
CA CYS B 76 -28.33 -11.32 33.70
C CYS B 76 -28.28 -12.77 33.24
N ASN B 77 -27.06 -13.27 33.03
CA ASN B 77 -26.83 -14.64 32.58
C ASN B 77 -27.64 -14.99 31.32
N TYR B 78 -27.50 -14.17 30.29
CA TYR B 78 -28.27 -14.36 29.07
C TYR B 78 -27.37 -14.57 27.84
N GLU B 79 -27.71 -15.56 27.02
CA GLU B 79 -26.92 -15.89 25.85
C GLU B 79 -27.65 -15.55 24.56
N TRP B 80 -26.96 -14.90 23.63
CA TRP B 80 -27.56 -14.55 22.35
C TRP B 80 -26.57 -14.71 21.20
N LYS B 81 -27.08 -14.66 19.97
CA LYS B 81 -26.25 -14.88 18.78
C LYS B 81 -26.03 -13.59 17.99
N LEU B 82 -25.26 -13.72 16.90
CA LEU B 82 -24.91 -12.56 16.07
C LEU B 82 -25.92 -12.33 14.95
N LYS B 83 -26.50 -13.42 14.45
CA LYS B 83 -27.47 -13.36 13.37
C LYS B 83 -28.71 -12.58 13.79
N GLU B 84 -29.06 -12.67 15.08
CA GLU B 84 -30.20 -11.96 15.63
C GLU B 84 -29.99 -10.45 15.60
N VAL B 85 -28.74 -10.03 15.81
CA VAL B 85 -28.40 -8.61 15.81
C VAL B 85 -28.03 -8.12 14.41
N LYS B 86 -27.80 -9.07 13.50
CA LYS B 86 -27.47 -8.74 12.13
C LYS B 86 -28.62 -8.01 11.44
N ASP B 87 -29.84 -8.52 11.65
CA ASP B 87 -31.03 -7.92 11.09
C ASP B 87 -31.76 -7.08 12.13
N LYS B 88 -31.62 -5.76 12.03
CA LYS B 88 -32.26 -4.85 12.97
C LYS B 88 -32.67 -3.54 12.29
N ILE B 97 -25.38 0.16 7.24
CA ILE B 97 -24.85 -0.96 6.47
C ILE B 97 -23.33 -0.87 6.35
N HIS B 98 -22.83 0.32 6.07
CA HIS B 98 -21.40 0.56 6.01
C HIS B 98 -20.79 0.31 7.38
N PHE B 99 -19.60 -0.30 7.41
CA PHE B 99 -18.91 -0.63 8.65
C PHE B 99 -19.76 -1.48 9.59
N ILE B 100 -20.55 -2.37 9.01
CA ILE B 100 -21.37 -3.29 9.79
C ILE B 100 -20.52 -4.19 10.71
N PRO B 101 -19.41 -4.76 10.18
CA PRO B 101 -18.58 -5.51 11.14
C PRO B 101 -17.76 -4.60 12.05
N GLU B 102 -17.67 -4.97 13.32
CA GLU B 102 -16.90 -4.20 14.30
C GLU B 102 -16.64 -5.04 15.55
N VAL B 103 -15.77 -4.52 16.42
CA VAL B 103 -15.48 -5.20 17.68
C VAL B 103 -16.71 -5.15 18.59
N VAL B 104 -17.19 -6.33 18.98
CA VAL B 104 -18.42 -6.43 19.75
C VAL B 104 -18.27 -5.94 21.19
N HIS B 105 -17.03 -5.71 21.59
CA HIS B 105 -16.72 -5.25 22.95
C HIS B 105 -17.47 -3.98 23.31
N ALA B 106 -17.58 -3.06 22.35
CA ALA B 106 -18.25 -1.78 22.59
C ALA B 106 -19.41 -1.51 21.64
N PHE B 107 -19.39 -2.17 20.49
CA PHE B 107 -20.36 -1.91 19.43
C PHE B 107 -21.78 -2.24 19.86
N LEU B 108 -21.93 -3.34 20.59
CA LEU B 108 -23.24 -3.86 20.94
C LEU B 108 -23.34 -4.28 22.41
N ALA B 109 -24.56 -4.30 22.92
CA ALA B 109 -24.82 -4.68 24.30
C ALA B 109 -25.53 -6.02 24.42
N CYS B 110 -25.76 -6.43 25.67
CA CYS B 110 -26.73 -7.46 25.98
C CYS B 110 -28.10 -6.89 25.67
N PRO B 111 -28.79 -7.45 24.68
CA PRO B 111 -30.07 -6.93 24.18
C PRO B 111 -31.18 -6.91 25.23
N LYS B 112 -30.92 -7.48 26.41
CA LYS B 112 -31.93 -7.58 27.46
C LYS B 112 -31.77 -6.67 28.70
N CYS B 113 -30.56 -6.59 29.26
CA CYS B 113 -30.34 -5.90 30.53
C CYS B 113 -30.02 -4.42 30.36
N GLY B 114 -28.92 -4.12 29.68
CA GLY B 114 -28.48 -2.74 29.52
C GLY B 114 -27.03 -2.58 29.94
N SER B 115 -26.29 -3.68 29.88
CA SER B 115 -24.88 -3.71 30.21
C SER B 115 -24.15 -4.60 29.21
N HIS B 116 -23.06 -4.07 28.67
CA HIS B 116 -22.39 -4.61 27.49
C HIS B 116 -21.31 -5.65 27.80
N ASP B 117 -21.16 -5.99 29.07
CA ASP B 117 -20.11 -6.92 29.46
C ASP B 117 -20.57 -8.35 29.23
N PHE B 118 -20.45 -8.79 27.99
CA PHE B 118 -20.84 -10.14 27.59
C PHE B 118 -19.62 -10.90 27.12
N GLU B 119 -19.44 -12.11 27.65
CA GLU B 119 -18.25 -12.91 27.38
C GLU B 119 -18.39 -13.70 26.09
N VAL B 120 -17.35 -13.65 25.25
CA VAL B 120 -17.34 -14.41 24.00
C VAL B 120 -17.00 -15.87 24.27
N VAL B 121 -17.89 -16.77 23.85
CA VAL B 121 -17.72 -18.19 24.12
C VAL B 121 -17.30 -18.95 22.87
N LYS B 122 -18.00 -18.72 21.77
CA LYS B 122 -17.75 -19.45 20.52
C LYS B 122 -17.68 -18.51 19.33
N GLY B 123 -16.79 -18.80 18.38
CA GLY B 123 -16.71 -18.04 17.15
C GLY B 123 -15.59 -17.01 17.12
N ARG B 124 -14.78 -16.98 18.17
CA ARG B 124 -13.67 -16.03 18.24
C ARG B 124 -12.38 -16.65 17.69
N GLY B 125 -12.21 -17.94 17.95
CA GLY B 125 -10.99 -18.63 17.56
C GLY B 125 -11.14 -19.45 16.29
N VAL B 126 -9.99 -19.85 15.74
CA VAL B 126 -9.95 -20.69 14.55
C VAL B 126 -9.13 -21.93 14.84
N TYR B 127 -9.60 -23.09 14.40
CA TYR B 127 -8.91 -24.34 14.65
C TYR B 127 -9.08 -25.34 13.52
N VAL B 128 -8.05 -26.14 13.28
CA VAL B 128 -8.09 -27.17 12.25
C VAL B 128 -8.96 -28.34 12.71
N ALA B 129 -9.90 -28.75 11.86
CA ALA B 129 -10.84 -29.80 12.22
C ALA B 129 -10.43 -31.16 11.65
N GLY B 130 -10.12 -31.19 10.35
CA GLY B 130 -9.80 -32.44 9.70
C GLY B 130 -8.53 -32.40 8.88
N ILE B 131 -7.71 -33.44 9.02
CA ILE B 131 -6.48 -33.58 8.25
C ILE B 131 -6.36 -34.96 7.64
N LYS B 132 -6.11 -35.03 6.33
CA LYS B 132 -5.93 -36.30 5.65
C LYS B 132 -4.45 -36.66 5.54
N ILE B 133 -4.01 -37.55 6.43
CA ILE B 133 -2.61 -37.95 6.49
C ILE B 133 -2.34 -39.18 5.63
N GLU B 134 -1.34 -39.07 4.76
CA GLU B 134 -0.90 -40.19 3.94
C GLU B 134 0.55 -40.55 4.26
N LYS B 135 0.73 -41.71 4.88
CA LYS B 135 2.07 -42.17 5.26
C LYS B 135 2.28 -43.63 4.87
ZN ZN C . -27.74 -9.52 29.96
#